data_5FMJ
#
_entry.id   5FMJ
#
_cell.length_a   57.789
_cell.length_b   57.789
_cell.length_c   268.327
_cell.angle_alpha   90.00
_cell.angle_beta   90.00
_cell.angle_gamma   120.00
#
_symmetry.space_group_name_H-M   'P 61 2 2'
#
loop_
_entity.id
_entity.type
_entity.pdbx_description
1 polymer 'BCL-2-LIKE PROTEIN 1'
2 polymer 'BAK1 PROTEIN'
3 non-polymer 1,2-ETHANEDIOL
4 water water
#
loop_
_entity_poly.entity_id
_entity_poly.type
_entity_poly.pdbx_seq_one_letter_code
_entity_poly.pdbx_strand_id
1 'polypeptide(L)'
;GPLGSMSQSNRELVVDFLSYKLSQKGYSWSQMAAVKQALREAGDEFELRYRRAFSDLTSQLHITPGTAYQSFEQVVNELF
RDGVNWGRIVAFFSFGGALCVESVDKEMQVLVSRIAAWMATYLNDHLEPWIQENGGWDTFVELYGNNAAAESRKGQER
;
A
2 'polypeptide(L)' LPLEPNSILGQVGRLLALIGDDINRRYDTEFQNL B
#
loop_
_chem_comp.id
_chem_comp.type
_chem_comp.name
_chem_comp.formula
EDO non-polymer 1,2-ETHANEDIOL 'C2 H6 O2'
#
# COMPACT_ATOMS: atom_id res chain seq x y z
N SER A 5 15.82 2.64 -24.46
CA SER A 5 16.40 3.56 -25.43
C SER A 5 15.65 4.90 -25.42
N MET A 6 15.90 5.70 -26.45
CA MET A 6 15.24 6.99 -26.56
C MET A 6 13.79 6.84 -26.99
N SER A 7 13.50 5.93 -27.92
CA SER A 7 12.12 5.68 -28.31
C SER A 7 11.29 5.13 -27.15
N GLN A 8 11.90 4.24 -26.35
CA GLN A 8 11.18 3.63 -25.22
C GLN A 8 10.85 4.67 -24.16
N SER A 9 11.74 5.62 -23.91
CA SER A 9 11.50 6.60 -22.87
C SER A 9 10.45 7.61 -23.30
N ASN A 10 10.48 8.01 -24.58
CA ASN A 10 9.48 8.92 -25.10
C ASN A 10 8.10 8.27 -25.07
N ARG A 11 8.02 7.02 -25.51
CA ARG A 11 6.78 6.26 -25.46
C ARG A 11 6.27 6.14 -24.03
N GLU A 12 7.16 5.80 -23.10
CA GLU A 12 6.75 5.61 -21.71
C GLU A 12 6.24 6.93 -21.12
N LEU A 13 6.85 8.04 -21.54
CA LEU A 13 6.43 9.35 -21.05
C LEU A 13 5.07 9.74 -21.62
N VAL A 14 4.88 9.51 -22.93
CA VAL A 14 3.58 9.73 -23.55
C VAL A 14 2.52 8.92 -22.82
N VAL A 15 2.82 7.64 -22.55
CA VAL A 15 1.83 6.75 -21.92
C VAL A 15 1.47 7.24 -20.53
N ASP A 16 2.46 7.65 -19.74
CA ASP A 16 2.17 8.08 -18.38
C ASP A 16 1.31 9.34 -18.39
N PHE A 17 1.66 10.31 -19.24
CA PHE A 17 0.88 11.54 -19.28
C PHE A 17 -0.55 11.27 -19.76
N LEU A 18 -0.69 10.51 -20.84
CA LEU A 18 -2.04 10.20 -21.32
C LEU A 18 -2.84 9.43 -20.24
N SER A 19 -2.19 8.52 -19.52
CA SER A 19 -2.91 7.76 -18.50
C SER A 19 -3.46 8.71 -17.45
N TYR A 20 -2.63 9.64 -17.00
CA TYR A 20 -3.07 10.65 -16.05
C TYR A 20 -4.26 11.44 -16.58
N LYS A 21 -4.11 12.11 -17.72
CA LYS A 21 -5.18 12.96 -18.21
C LYS A 21 -6.46 12.16 -18.50
N LEU A 22 -6.35 10.89 -18.90
CA LEU A 22 -7.55 10.09 -19.08
C LEU A 22 -8.26 9.87 -17.74
N SER A 23 -7.49 9.49 -16.70
CA SER A 23 -8.07 9.17 -15.40
C SER A 23 -8.74 10.39 -14.80
N GLN A 24 -8.24 11.59 -15.12
CA GLN A 24 -8.88 12.82 -14.69
C GLN A 24 -10.30 12.98 -15.25
N LYS A 25 -10.64 12.28 -16.34
CA LYS A 25 -11.98 12.39 -16.89
C LYS A 25 -12.80 11.12 -16.66
N GLY A 26 -12.35 10.25 -15.77
CA GLY A 26 -13.00 8.98 -15.54
C GLY A 26 -12.63 7.87 -16.52
N TYR A 27 -11.68 8.08 -17.40
CA TYR A 27 -11.30 7.00 -18.31
C TYR A 27 -10.02 6.33 -17.80
N SER A 28 -9.55 5.32 -18.52
CA SER A 28 -8.26 4.79 -18.14
C SER A 28 -7.50 4.30 -19.36
N TRP A 29 -6.18 4.46 -19.33
CA TRP A 29 -5.35 4.06 -20.46
C TRP A 29 -5.44 2.56 -20.67
N SER A 30 -5.55 1.79 -19.60
CA SER A 30 -5.46 0.34 -19.66
C SER A 30 -5.90 -0.19 -18.31
N GLN A 31 -6.19 -1.50 -18.27
CA GLN A 31 -6.61 -2.10 -17.02
C GLN A 31 -5.53 -1.95 -15.94
N MET A 32 -4.25 -2.13 -16.32
CA MET A 32 -3.17 -1.87 -15.37
C MET A 32 -3.22 -0.45 -14.84
N ALA A 33 -3.36 0.55 -15.72
CA ALA A 33 -3.41 1.95 -15.28
C ALA A 33 -4.56 2.19 -14.31
N ALA A 34 -5.68 1.53 -14.52
CA ALA A 34 -6.82 1.69 -13.62
C ALA A 34 -6.52 1.08 -12.25
N VAL A 35 -5.83 -0.07 -12.22
CA VAL A 35 -5.43 -0.63 -10.93
C VAL A 35 -4.51 0.34 -10.22
N LYS A 36 -3.50 0.87 -10.94
CA LYS A 36 -2.52 1.76 -10.32
C LYS A 36 -3.19 2.97 -9.71
N GLN A 37 -4.17 3.54 -10.42
CA GLN A 37 -4.80 4.77 -9.94
C GLN A 37 -5.75 4.49 -8.78
N ALA A 38 -6.53 3.42 -8.83
CA ALA A 38 -7.34 3.07 -7.67
C ALA A 38 -6.46 2.84 -6.45
N LEU A 39 -5.31 2.17 -6.62
CA LEU A 39 -4.43 1.83 -5.51
C LEU A 39 -3.82 3.09 -4.89
N ARG A 40 -3.33 4.02 -5.73
CA ARG A 40 -2.85 5.31 -5.23
C ARG A 40 -3.90 6.00 -4.39
N GLU A 41 -5.14 6.04 -4.89
CA GLU A 41 -6.22 6.70 -4.17
C GLU A 41 -6.53 5.99 -2.86
N ALA A 42 -6.59 4.66 -2.89
CA ALA A 42 -6.83 3.91 -1.66
C ALA A 42 -5.68 4.12 -0.68
N GLY A 43 -4.46 4.26 -1.19
CA GLY A 43 -3.34 4.57 -0.33
C GLY A 43 -3.50 5.91 0.35
N ASP A 44 -3.79 6.96 -0.45
CA ASP A 44 -4.04 8.29 0.09
C ASP A 44 -5.08 8.23 1.18
N GLU A 45 -6.16 7.51 0.91
CA GLU A 45 -7.27 7.45 1.84
C GLU A 45 -6.89 6.66 3.11
N PHE A 46 -6.16 5.55 2.93
CA PHE A 46 -5.76 4.77 4.11
C PHE A 46 -4.85 5.60 4.99
N GLU A 47 -3.91 6.32 4.38
CA GLU A 47 -3.03 7.17 5.16
C GLU A 47 -3.82 8.26 5.88
N LEU A 48 -4.83 8.83 5.22
CA LEU A 48 -5.64 9.86 5.87
C LEU A 48 -6.38 9.27 7.07
N ARG A 49 -6.94 8.07 6.92
CA ARG A 49 -7.67 7.47 8.02
C ARG A 49 -6.73 7.04 9.13
N TYR A 50 -5.54 6.57 8.78
CA TYR A 50 -4.55 6.19 9.77
C TYR A 50 -4.13 7.41 10.59
N ARG A 51 -3.73 8.49 9.93
CA ARG A 51 -3.13 9.62 10.64
C ARG A 51 -4.15 10.35 11.49
N ARG A 52 -5.44 10.23 11.17
CA ARG A 52 -6.48 10.80 12.03
C ARG A 52 -6.67 9.97 13.29
N ALA A 53 -6.41 8.66 13.21
CA ALA A 53 -6.59 7.75 14.33
C ALA A 53 -5.35 7.68 15.23
N PHE A 54 -4.16 7.58 14.65
CA PHE A 54 -2.95 7.24 15.40
C PHE A 54 -1.81 8.15 14.97
N SER A 55 -0.79 8.20 15.83
CA SER A 55 0.40 8.98 15.56
C SER A 55 1.30 8.25 14.57
N ASP A 56 2.15 9.03 13.89
CA ASP A 56 3.14 8.46 12.99
C ASP A 56 4.20 7.74 13.82
N LEU A 57 4.22 6.42 13.77
CA LEU A 57 5.11 5.65 14.63
C LEU A 57 6.31 5.09 13.89
N THR A 58 6.50 5.51 12.62
CA THR A 58 7.59 5.01 11.79
C THR A 58 8.95 5.19 12.48
N SER A 59 9.27 6.41 12.93
CA SER A 59 10.50 6.64 13.67
C SER A 59 10.69 5.64 14.80
N GLN A 60 9.60 5.25 15.47
CA GLN A 60 9.67 4.33 16.60
C GLN A 60 10.06 2.92 16.21
N LEU A 61 10.08 2.59 14.91
CA LEU A 61 10.63 1.32 14.46
C LEU A 61 12.15 1.32 14.49
N HIS A 62 12.80 2.49 14.49
CA HIS A 62 14.25 2.64 14.46
C HIS A 62 14.86 1.79 13.35
N ILE A 63 14.63 2.25 12.12
CA ILE A 63 15.09 1.51 10.95
C ILE A 63 16.60 1.58 10.87
N THR A 64 17.22 0.44 10.60
CA THR A 64 18.64 0.30 10.40
C THR A 64 18.83 -0.70 9.27
N PRO A 65 20.00 -0.71 8.65
CA PRO A 65 20.26 -1.74 7.66
C PRO A 65 20.11 -3.12 8.23
N GLY A 66 20.70 -3.38 9.40
CA GLY A 66 20.58 -4.69 10.00
C GLY A 66 19.17 -5.09 10.34
N THR A 67 18.30 -4.12 10.67
CA THR A 67 16.95 -4.45 11.12
C THR A 67 15.88 -4.26 10.06
N ALA A 68 16.20 -3.57 8.96
CA ALA A 68 15.17 -3.19 7.99
C ALA A 68 14.33 -4.38 7.52
N TYR A 69 14.98 -5.48 7.12
CA TYR A 69 14.19 -6.60 6.64
C TYR A 69 13.32 -7.18 7.75
N GLN A 70 13.92 -7.53 8.90
CA GLN A 70 13.12 -8.17 9.93
C GLN A 70 11.97 -7.24 10.37
N SER A 71 12.22 -5.94 10.44
CA SER A 71 11.14 -5.01 10.73
C SER A 71 10.01 -5.14 9.70
N PHE A 72 10.34 -5.07 8.41
CA PHE A 72 9.32 -5.25 7.37
C PHE A 72 8.57 -6.56 7.55
N GLU A 73 9.33 -7.66 7.69
CA GLU A 73 8.71 -8.98 7.78
C GLU A 73 7.71 -9.05 8.94
N GLN A 74 8.07 -8.49 10.10
CA GLN A 74 7.25 -8.72 11.27
C GLN A 74 5.98 -7.89 11.22
N VAL A 75 6.08 -6.64 10.75
CA VAL A 75 4.87 -5.83 10.59
C VAL A 75 3.91 -6.51 9.62
N VAL A 76 4.45 -7.03 8.51
CA VAL A 76 3.60 -7.56 7.45
C VAL A 76 2.99 -8.89 7.87
N ASN A 77 3.78 -9.78 8.48
CA ASN A 77 3.21 -11.01 9.04
C ASN A 77 2.12 -10.71 10.05
N GLU A 78 2.34 -9.72 10.91
CA GLU A 78 1.28 -9.40 11.85
C GLU A 78 0.06 -8.83 11.15
N LEU A 79 0.26 -8.03 10.09
CA LEU A 79 -0.86 -7.45 9.35
C LEU A 79 -1.76 -8.54 8.77
N PHE A 80 -1.19 -9.66 8.32
CA PHE A 80 -1.99 -10.67 7.63
C PHE A 80 -2.24 -11.94 8.46
N ARG A 81 -1.87 -11.95 9.75
CA ARG A 81 -2.13 -13.13 10.58
CA ARG A 81 -2.13 -13.12 10.59
C ARG A 81 -3.59 -13.56 10.47
N ASP A 82 -4.51 -12.68 10.85
CA ASP A 82 -5.92 -13.07 10.90
C ASP A 82 -6.53 -13.38 9.53
N GLY A 83 -5.87 -12.99 8.44
CA GLY A 83 -6.43 -13.22 7.11
C GLY A 83 -6.10 -12.05 6.21
N VAL A 84 -6.64 -12.11 4.98
CA VAL A 84 -6.37 -11.10 3.96
C VAL A 84 -7.64 -10.38 3.57
N ASN A 85 -7.49 -9.13 3.16
CA ASN A 85 -8.59 -8.42 2.50
C ASN A 85 -8.04 -7.16 1.85
N TRP A 86 -8.80 -6.63 0.88
CA TRP A 86 -8.32 -5.51 0.07
C TRP A 86 -7.82 -4.36 0.95
N GLY A 87 -8.51 -4.07 2.04
CA GLY A 87 -8.05 -3.00 2.92
C GLY A 87 -6.67 -3.27 3.48
N ARG A 88 -6.44 -4.50 3.92
CA ARG A 88 -5.14 -4.89 4.46
C ARG A 88 -4.06 -4.86 3.39
N ILE A 89 -4.42 -5.19 2.16
CA ILE A 89 -3.44 -5.08 1.08
C ILE A 89 -3.09 -3.61 0.83
N VAL A 90 -4.08 -2.73 0.87
CA VAL A 90 -3.79 -1.29 0.83
C VAL A 90 -2.88 -0.91 1.99
N ALA A 91 -3.16 -1.41 3.20
CA ALA A 91 -2.30 -1.11 4.35
C ALA A 91 -0.87 -1.54 4.09
N PHE A 92 -0.70 -2.68 3.43
CA PHE A 92 0.62 -3.22 3.09
C PHE A 92 1.37 -2.28 2.14
N PHE A 93 0.69 -1.77 1.13
CA PHE A 93 1.34 -0.80 0.26
C PHE A 93 1.71 0.46 1.04
N SER A 94 0.77 0.97 1.84
CA SER A 94 1.06 2.21 2.55
C SER A 94 2.26 2.03 3.48
N PHE A 95 2.33 0.89 4.16
CA PHE A 95 3.44 0.70 5.07
C PHE A 95 4.74 0.62 4.28
N GLY A 96 4.74 -0.14 3.18
CA GLY A 96 5.90 -0.11 2.31
C GLY A 96 6.28 1.31 1.96
N GLY A 97 5.28 2.14 1.66
CA GLY A 97 5.56 3.52 1.33
C GLY A 97 6.17 4.29 2.47
N ALA A 98 5.53 4.21 3.65
CA ALA A 98 6.07 4.90 4.80
C ALA A 98 7.47 4.41 5.10
N LEU A 99 7.68 3.09 4.93
CA LEU A 99 9.00 2.50 5.15
C LEU A 99 10.05 3.08 4.21
N CYS A 100 9.66 3.35 2.94
CA CYS A 100 10.63 3.91 2.01
C CYS A 100 10.92 5.36 2.32
N VAL A 101 9.88 6.12 2.65
CA VAL A 101 10.12 7.53 2.98
C VAL A 101 11.03 7.64 4.18
N GLU A 102 10.82 6.79 5.18
CA GLU A 102 11.68 6.86 6.35
C GLU A 102 13.12 6.57 5.94
N SER A 103 13.31 5.59 5.05
CA SER A 103 14.67 5.21 4.66
C SER A 103 15.41 6.38 4.01
N VAL A 104 14.71 7.14 3.15
CA VAL A 104 15.32 8.34 2.57
C VAL A 104 15.57 9.37 3.66
N ASP A 105 14.57 9.63 4.51
CA ASP A 105 14.74 10.57 5.60
C ASP A 105 16.01 10.30 6.37
N LYS A 106 16.25 9.02 6.70
CA LYS A 106 17.39 8.58 7.48
C LYS A 106 18.61 8.25 6.61
N GLU A 107 18.73 8.91 5.46
CA GLU A 107 19.86 8.77 4.52
C GLU A 107 20.32 7.31 4.32
N MET A 108 19.35 6.43 4.09
CA MET A 108 19.59 5.06 3.63
C MET A 108 18.79 4.78 2.35
N GLN A 109 18.88 5.70 1.40
CA GLN A 109 18.12 5.61 0.14
C GLN A 109 18.13 4.21 -0.46
N VAL A 110 19.23 3.47 -0.31
CA VAL A 110 19.35 2.16 -0.98
C VAL A 110 18.31 1.17 -0.45
N LEU A 111 17.79 1.39 0.76
CA LEU A 111 16.75 0.50 1.24
C LEU A 111 15.45 0.62 0.42
N VAL A 112 15.23 1.73 -0.29
CA VAL A 112 14.02 1.83 -1.10
C VAL A 112 13.97 0.71 -2.13
N SER A 113 15.07 0.48 -2.84
CA SER A 113 15.08 -0.58 -3.84
C SER A 113 14.90 -1.94 -3.18
N ARG A 114 15.43 -2.14 -1.98
CA ARG A 114 15.23 -3.43 -1.31
CA ARG A 114 15.23 -3.44 -1.32
C ARG A 114 13.79 -3.57 -0.81
N ILE A 115 13.25 -2.53 -0.19
CA ILE A 115 11.86 -2.61 0.28
C ILE A 115 10.93 -2.94 -0.89
N ALA A 116 11.14 -2.28 -2.05
CA ALA A 116 10.36 -2.60 -3.24
C ALA A 116 10.41 -4.09 -3.58
N ALA A 117 11.59 -4.70 -3.47
CA ALA A 117 11.72 -6.11 -3.80
C ALA A 117 11.01 -6.99 -2.77
N TRP A 118 11.23 -6.74 -1.47
CA TRP A 118 10.48 -7.45 -0.44
C TRP A 118 8.97 -7.37 -0.69
N MET A 119 8.48 -6.20 -1.10
CA MET A 119 7.05 -6.04 -1.37
C MET A 119 6.62 -6.90 -2.56
N ALA A 120 7.35 -6.84 -3.66
CA ALA A 120 6.98 -7.63 -4.84
C ALA A 120 7.01 -9.11 -4.53
N THR A 121 8.05 -9.56 -3.81
CA THR A 121 8.14 -10.96 -3.44
C THR A 121 6.98 -11.36 -2.55
N TYR A 122 6.63 -10.52 -1.57
CA TYR A 122 5.48 -10.88 -0.73
C TYR A 122 4.21 -10.96 -1.57
N LEU A 123 4.01 -10.01 -2.49
CA LEU A 123 2.85 -10.09 -3.38
C LEU A 123 2.83 -11.39 -4.15
N ASN A 124 3.99 -11.78 -4.70
CA ASN A 124 4.06 -12.98 -5.54
C ASN A 124 3.77 -14.23 -4.73
N ASP A 125 4.43 -14.36 -3.59
CA ASP A 125 4.45 -15.63 -2.88
C ASP A 125 3.33 -15.77 -1.84
N HIS A 126 2.73 -14.67 -1.37
CA HIS A 126 1.78 -14.79 -0.26
C HIS A 126 0.42 -14.14 -0.47
N LEU A 127 0.29 -13.16 -1.38
CA LEU A 127 -0.99 -12.52 -1.61
C LEU A 127 -1.66 -12.94 -2.90
N GLU A 128 -0.89 -13.26 -3.94
CA GLU A 128 -1.48 -13.69 -5.20
C GLU A 128 -2.53 -14.79 -5.02
N PRO A 129 -2.29 -15.84 -4.22
CA PRO A 129 -3.31 -16.86 -4.01
C PRO A 129 -4.67 -16.29 -3.68
N TRP A 130 -4.73 -15.49 -2.60
CA TRP A 130 -5.98 -14.84 -2.22
C TRP A 130 -6.49 -13.90 -3.33
N ILE A 131 -5.59 -13.14 -3.96
CA ILE A 131 -6.01 -12.18 -4.97
C ILE A 131 -6.73 -12.89 -6.12
N GLN A 132 -6.21 -14.04 -6.56
CA GLN A 132 -6.86 -14.77 -7.64
C GLN A 132 -8.14 -15.45 -7.20
N GLU A 133 -8.25 -15.81 -5.91
CA GLU A 133 -9.48 -16.37 -5.35
C GLU A 133 -10.56 -15.33 -5.13
N ASN A 134 -10.24 -14.04 -5.24
CA ASN A 134 -11.17 -12.98 -4.89
C ASN A 134 -11.39 -12.00 -6.05
N GLY A 135 -11.23 -12.47 -7.27
CA GLY A 135 -11.59 -11.68 -8.43
C GLY A 135 -10.45 -10.97 -9.12
N GLY A 136 -9.21 -11.10 -8.63
CA GLY A 136 -8.09 -10.40 -9.19
C GLY A 136 -8.19 -8.90 -8.93
N TRP A 137 -7.24 -8.17 -9.49
CA TRP A 137 -7.23 -6.73 -9.29
C TRP A 137 -8.38 -6.01 -9.97
N ASP A 138 -9.00 -6.58 -11.00
CA ASP A 138 -10.17 -5.91 -11.58
C ASP A 138 -11.27 -5.76 -10.55
N THR A 139 -11.43 -6.77 -9.68
CA THR A 139 -12.39 -6.68 -8.59
C THR A 139 -11.98 -5.60 -7.60
N PHE A 140 -10.69 -5.50 -7.28
CA PHE A 140 -10.22 -4.39 -6.46
C PHE A 140 -10.62 -3.07 -7.08
N VAL A 141 -10.32 -2.89 -8.37
CA VAL A 141 -10.73 -1.67 -9.07
C VAL A 141 -12.23 -1.48 -8.95
N GLU A 142 -13.02 -2.55 -9.14
CA GLU A 142 -14.46 -2.42 -8.97
C GLU A 142 -14.83 -1.88 -7.59
N LEU A 143 -14.10 -2.27 -6.55
CA LEU A 143 -14.45 -1.81 -5.21
C LEU A 143 -13.85 -0.46 -4.86
N TYR A 144 -12.70 -0.10 -5.40
CA TYR A 144 -11.99 1.09 -4.97
C TYR A 144 -11.82 2.14 -6.05
N GLY A 145 -12.10 1.82 -7.31
CA GLY A 145 -12.00 2.83 -8.36
C GLY A 145 -12.91 4.03 -8.13
N ASN A 146 -12.59 5.10 -8.84
CA ASN A 146 -13.24 6.40 -8.67
C ASN A 146 -13.24 6.84 -7.20
N ASN A 147 -12.11 6.60 -6.48
CA ASN A 147 -11.91 7.11 -5.12
C ASN A 147 -13.06 6.69 -4.20
N ALA A 148 -13.48 5.43 -4.32
CA ALA A 148 -14.68 4.95 -3.64
C ALA A 148 -14.58 5.06 -2.12
N ALA A 149 -13.44 4.63 -1.54
CA ALA A 149 -13.29 4.65 -0.09
C ALA A 149 -13.43 6.08 0.45
N ALA A 150 -12.67 7.03 -0.12
CA ALA A 150 -12.75 8.42 0.32
C ALA A 150 -14.18 8.94 0.25
N GLU A 151 -14.92 8.56 -0.81
CA GLU A 151 -16.32 8.99 -0.92
C GLU A 151 -17.19 8.31 0.11
N SER A 152 -16.96 7.02 0.37
CA SER A 152 -17.73 6.32 1.38
C SER A 152 -17.55 6.97 2.74
N ARG A 153 -16.39 7.59 2.98
CA ARG A 153 -16.19 8.36 4.21
C ARG A 153 -16.81 9.74 4.11
N LYS A 154 -16.81 10.35 2.92
CA LYS A 154 -17.40 11.66 2.77
C LYS A 154 -18.92 11.61 2.95
N GLY A 155 -19.54 10.48 2.61
CA GLY A 155 -20.96 10.32 2.85
C GLY A 155 -21.31 10.45 4.32
N GLN A 156 -20.59 9.72 5.18
CA GLN A 156 -20.87 9.76 6.62
C GLN A 156 -20.61 11.13 7.23
N GLU A 157 -19.95 12.03 6.51
CA GLU A 157 -19.61 13.36 7.02
C GLU A 157 -20.62 14.42 6.56
N LEU B 3 0.12 -8.23 20.80
CA LEU B 3 -0.03 -8.56 22.21
C LEU B 3 1.11 -8.02 23.11
N GLU B 4 2.37 -8.45 22.90
CA GLU B 4 3.42 -8.11 23.85
C GLU B 4 3.77 -6.62 23.79
N PRO B 5 3.90 -5.94 24.94
CA PRO B 5 3.96 -4.46 24.93
C PRO B 5 5.20 -3.88 24.29
N ASN B 6 6.32 -4.60 24.26
CA ASN B 6 7.56 -4.13 23.65
C ASN B 6 7.63 -4.39 22.15
N SER B 7 6.74 -5.23 21.62
CA SER B 7 6.69 -5.52 20.20
C SER B 7 6.03 -4.35 19.46
N ILE B 8 6.78 -3.24 19.37
CA ILE B 8 6.30 -2.12 18.57
C ILE B 8 5.97 -2.58 17.14
N LEU B 9 6.64 -3.62 16.65
CA LEU B 9 6.41 -4.07 15.29
C LEU B 9 5.09 -4.82 15.16
N GLY B 10 4.83 -5.74 16.08
CA GLY B 10 3.52 -6.39 16.10
C GLY B 10 2.41 -5.38 16.29
N GLN B 11 2.64 -4.40 17.15
CA GLN B 11 1.64 -3.36 17.35
C GLN B 11 1.30 -2.64 16.06
N VAL B 12 2.33 -2.15 15.36
CA VAL B 12 2.12 -1.45 14.10
C VAL B 12 1.35 -2.31 13.12
N GLY B 13 1.72 -3.59 13.01
CA GLY B 13 0.96 -4.50 12.17
C GLY B 13 -0.51 -4.55 12.54
N ARG B 14 -0.80 -4.55 13.84
CA ARG B 14 -2.20 -4.63 14.27
C ARG B 14 -2.94 -3.32 14.00
N LEU B 15 -2.29 -2.19 14.26
CA LEU B 15 -2.87 -0.89 13.91
C LEU B 15 -3.15 -0.82 12.41
N LEU B 16 -2.21 -1.26 11.57
CA LEU B 16 -2.45 -1.28 10.14
C LEU B 16 -3.66 -2.15 9.81
N ALA B 17 -3.78 -3.28 10.51
CA ALA B 17 -4.91 -4.17 10.27
C ALA B 17 -6.21 -3.48 10.59
N LEU B 18 -6.25 -2.79 11.72
CA LEU B 18 -7.46 -2.09 12.14
C LEU B 18 -7.89 -1.09 11.08
N ILE B 19 -6.95 -0.26 10.61
CA ILE B 19 -7.32 0.74 9.61
C ILE B 19 -7.61 0.06 8.28
N GLY B 20 -6.87 -1.02 7.97
CA GLY B 20 -7.16 -1.78 6.76
C GLY B 20 -8.58 -2.30 6.75
N ASP B 21 -9.02 -2.88 7.87
CA ASP B 21 -10.40 -3.33 7.98
C ASP B 21 -11.38 -2.18 7.80
N ASP B 22 -11.08 -1.02 8.38
CA ASP B 22 -11.98 0.12 8.28
C ASP B 22 -12.13 0.57 6.84
N ILE B 23 -11.02 0.70 6.11
CA ILE B 23 -11.09 1.14 4.72
C ILE B 23 -11.77 0.08 3.88
N ASN B 24 -11.75 -1.18 4.31
CA ASN B 24 -12.40 -2.24 3.56
C ASN B 24 -13.92 -2.26 3.72
N ARG B 25 -14.46 -1.49 4.67
CA ARG B 25 -15.91 -1.41 4.87
C ARG B 25 -16.57 -0.41 3.93
N ARG B 26 -17.70 -0.81 3.34
CA ARG B 26 -18.45 0.06 2.42
C ARG B 26 -19.98 0.02 2.64
C1 EDO C . -1.35 6.10 -14.40
O1 EDO C . -2.54 6.73 -13.91
C2 EDO C . -0.70 5.27 -13.31
O2 EDO C . -0.21 6.12 -12.25
C1 EDO D . -2.25 11.23 19.04
O1 EDO D . -0.84 11.28 19.18
C2 EDO D . -2.61 10.47 17.77
O2 EDO D . -3.28 11.35 16.84
C1 EDO E . 3.52 7.04 2.97
O1 EDO E . 3.13 5.83 2.24
C2 EDO E . 4.41 8.07 2.23
O2 EDO E . 3.71 9.14 1.51
C1 EDO F . 3.75 3.78 11.65
O1 EDO F . 2.90 4.92 11.48
C2 EDO F . 4.35 3.33 10.32
O2 EDO F . 3.29 2.83 9.51
H11 EDO F . 5.10 2.55 10.50
H12 EDO F . 4.84 4.17 9.83
HO1 EDO F . 3.66 2.54 8.66
H21 EDO F . 3.18 2.96 12.10
H22 EDO F . 4.56 4.03 12.34
HO2 EDO F . 2.54 5.19 12.33
#